data_4CUA
#
_entry.id   4CUA
#
_cell.length_a   70.290
_cell.length_b   70.290
_cell.length_c   159.690
_cell.angle_alpha   90.00
_cell.angle_beta   90.00
_cell.angle_gamma   90.00
#
_symmetry.space_group_name_H-M   'P 43 21 2'
#
loop_
_entity.id
_entity.type
_entity.pdbx_description
1 polymer BETA-GALACTOSIDASE
2 non-polymer 'CALCIUM ION'
3 non-polymer 1,2-ETHANEDIOL
4 water water
#
_entity_poly.entity_id   1
_entity_poly.type   'polypeptide(L)'
_entity_poly.pdbx_seq_one_letter_code
;QTEQGANISDQWTGSELPLAFASDSNPSDPVSNVNDKLISYNNQPANRWTNWNRSNPEASVGVLFGDSGILSKRSVDNLS
VGFHEDHGVGAPKSYVIEYYVGKTVPTAPKNPSFVGNEDHVFNDSANWKPVTNLKAPAQLKAGE(MSE)NHFSFDKVETY
AIRIR(MSE)VKADNKRGTSITEVQIFAKQV
;
_entity_poly.pdbx_strand_id   A,B
#
loop_
_chem_comp.id
_chem_comp.type
_chem_comp.name
_chem_comp.formula
CA non-polymer 'CALCIUM ION' 'Ca 2'
EDO non-polymer 1,2-ETHANEDIOL 'C2 H6 O2'
#
# COMPACT_ATOMS: atom_id res chain seq x y z
N GLN A 4 7.79 4.26 -11.51
CA GLN A 4 7.65 4.96 -10.19
C GLN A 4 9.00 4.94 -9.50
N GLY A 5 9.47 6.11 -9.10
CA GLY A 5 10.77 6.23 -8.47
C GLY A 5 10.77 5.97 -6.95
N ALA A 6 11.85 6.38 -6.34
CA ALA A 6 12.16 6.11 -4.95
C ALA A 6 11.12 6.85 -4.08
N ASN A 7 10.81 6.24 -2.98
CA ASN A 7 9.87 6.86 -2.02
C ASN A 7 10.70 7.80 -1.15
N ILE A 8 10.41 9.10 -1.25
CA ILE A 8 11.15 10.12 -0.57
C ILE A 8 10.38 10.72 0.63
N SER A 9 9.29 10.07 1.05
CA SER A 9 8.63 10.46 2.29
C SER A 9 8.76 9.49 3.43
N ASP A 10 8.96 8.19 3.15
CA ASP A 10 9.09 7.27 4.24
C ASP A 10 10.14 7.55 5.23
N GLN A 11 9.88 7.30 6.49
CA GLN A 11 10.90 7.33 7.51
C GLN A 11 11.97 6.28 7.25
N TRP A 12 13.18 6.63 7.66
CA TRP A 12 14.27 5.67 7.73
C TRP A 12 14.75 5.57 9.15
N THR A 13 14.96 4.34 9.58
CA THR A 13 15.36 4.08 10.94
C THR A 13 16.70 4.71 11.18
N GLY A 14 16.79 5.45 12.26
CA GLY A 14 18.03 6.10 12.67
C GLY A 14 18.28 7.40 11.93
N SER A 15 17.30 7.82 11.14
CA SER A 15 17.43 9.08 10.41
C SER A 15 16.35 10.05 10.84
N GLU A 16 16.76 11.28 11.08
CA GLU A 16 15.87 12.31 11.49
C GLU A 16 14.90 12.70 10.34
N LEU A 17 15.38 12.60 9.12
CA LEU A 17 14.69 13.01 7.92
C LEU A 17 14.65 11.89 6.93
N PRO A 18 13.61 11.76 6.15
CA PRO A 18 12.47 12.67 6.05
C PRO A 18 11.61 12.59 7.31
N LEU A 19 10.98 13.72 7.61
CA LEU A 19 10.19 13.87 8.83
C LEU A 19 8.83 14.38 8.43
N ALA A 20 7.79 13.73 8.89
CA ALA A 20 6.42 14.25 8.79
C ALA A 20 6.20 15.30 9.85
N PHE A 21 5.41 16.31 9.52
CA PHE A 21 5.09 17.37 10.47
C PHE A 21 3.61 17.75 10.25
N ALA A 22 3.01 18.35 11.30
CA ALA A 22 1.64 18.81 11.25
C ALA A 22 1.51 20.08 12.01
N SER A 23 0.56 20.91 11.60
CA SER A 23 0.31 22.15 12.37
C SER A 23 -0.20 21.81 13.79
N ASP A 24 -1.00 20.77 13.91
CA ASP A 24 -1.60 20.31 15.14
C ASP A 24 -2.04 18.87 14.93
N SER A 25 -2.17 18.13 16.04
CA SER A 25 -2.61 16.78 16.03
C SER A 25 -3.41 16.35 17.25
N ASN A 26 -4.31 15.37 17.14
CA ASN A 26 -4.77 14.67 18.27
C ASN A 26 -3.58 13.93 18.87
N PRO A 27 -3.22 14.15 20.15
CA PRO A 27 -1.92 13.66 20.62
C PRO A 27 -1.69 12.17 20.50
N SER A 28 -2.71 11.36 20.57
CA SER A 28 -2.53 9.90 20.46
C SER A 28 -2.45 9.45 18.99
N ASP A 29 -2.56 10.42 18.06
CA ASP A 29 -2.47 10.20 16.62
C ASP A 29 -1.36 11.07 16.05
N PRO A 30 -0.11 10.83 16.48
CA PRO A 30 0.97 11.74 16.06
C PRO A 30 1.21 11.66 14.58
N VAL A 31 1.71 12.73 13.98
CA VAL A 31 1.91 12.81 12.53
C VAL A 31 2.97 11.88 12.03
N SER A 32 3.87 11.45 12.89
CA SER A 32 4.86 10.41 12.52
C SER A 32 4.17 9.15 12.00
N ASN A 33 2.90 8.93 12.36
CA ASN A 33 2.14 7.85 11.74
C ASN A 33 1.94 7.91 10.29
N VAL A 34 2.13 9.07 9.64
CA VAL A 34 1.80 9.15 8.23
C VAL A 34 2.94 8.70 7.27
N ASN A 35 4.13 8.46 7.82
CA ASN A 35 5.22 8.02 6.95
C ASN A 35 5.96 6.90 7.60
N ASP A 36 5.22 6.02 8.30
CA ASP A 36 5.79 4.89 9.04
C ASP A 36 5.71 3.56 8.27
N LYS A 37 5.19 3.60 7.06
CA LYS A 37 5.04 2.45 6.15
C LYS A 37 3.98 1.51 6.64
N LEU A 38 3.18 1.88 7.63
CA LEU A 38 2.02 1.07 8.06
C LEU A 38 0.80 1.77 7.50
N ILE A 39 -0.09 1.04 6.89
CA ILE A 39 -1.30 1.57 6.30
C ILE A 39 -2.43 0.82 6.91
N SER A 40 -3.32 1.53 7.61
CA SER A 40 -4.48 0.90 8.25
C SER A 40 -5.69 1.80 8.14
N TYR A 41 -6.79 1.23 7.66
CA TYR A 41 -8.05 1.96 7.58
C TYR A 41 -9.07 1.63 8.68
N ASN A 42 -8.56 0.99 9.71
CA ASN A 42 -9.40 0.59 10.85
C ASN A 42 -8.64 0.74 12.16
N ASN A 43 -9.06 0.06 13.21
CA ASN A 43 -8.40 0.10 14.49
C ASN A 43 -7.62 -1.13 14.85
N GLN A 44 -7.29 -1.94 13.86
CA GLN A 44 -6.62 -3.22 14.06
C GLN A 44 -5.40 -3.35 13.15
N PRO A 45 -4.38 -2.48 13.37
CA PRO A 45 -4.23 -1.51 14.40
C PRO A 45 -4.66 -0.13 13.96
N ALA A 46 -4.99 0.73 14.90
CA ALA A 46 -5.15 2.12 14.63
C ALA A 46 -3.79 2.68 14.27
N ASN A 47 -3.72 3.30 13.10
CA ASN A 47 -2.47 3.91 12.65
C ASN A 47 -2.81 5.12 11.75
N ARG A 48 -2.73 6.30 12.32
CA ARG A 48 -3.18 7.49 11.63
C ARG A 48 -2.74 8.74 12.32
N TRP A 49 -2.55 9.84 11.54
CA TRP A 49 -2.62 11.16 12.07
C TRP A 49 -4.08 11.59 12.01
N THR A 50 -4.53 12.28 13.06
CA THR A 50 -5.81 13.02 12.96
C THR A 50 -5.64 14.27 13.75
N ASN A 51 -6.59 15.18 13.52
CA ASN A 51 -6.78 16.36 14.40
C ASN A 51 -8.16 16.21 15.08
N TRP A 52 -8.55 15.00 15.39
CA TRP A 52 -9.83 14.71 16.04
C TRP A 52 -9.93 15.49 17.34
N ASN A 53 -11.05 16.19 17.49
CA ASN A 53 -11.41 16.96 18.67
C ASN A 53 -10.41 18.05 19.00
N ARG A 54 -9.69 18.59 18.04
CA ARG A 54 -8.76 19.67 18.27
C ARG A 54 -9.49 20.99 17.96
N SER A 55 -8.95 22.08 18.46
N SER A 55 -8.94 22.08 18.41
CA SER A 55 -9.61 23.38 18.34
CA SER A 55 -9.65 23.33 18.37
C SER A 55 -9.83 23.83 16.92
C SER A 55 -9.76 23.96 16.99
N ASN A 56 -8.77 23.76 16.11
CA ASN A 56 -8.79 24.38 14.80
C ASN A 56 -9.34 23.37 13.81
N PRO A 57 -10.37 23.75 13.05
CA PRO A 57 -10.89 22.79 12.06
C PRO A 57 -9.96 22.58 10.87
N GLU A 58 -9.05 23.51 10.67
CA GLU A 58 -8.02 23.40 9.65
C GLU A 58 -6.72 22.94 10.21
N ALA A 59 -6.06 21.97 9.54
CA ALA A 59 -4.67 21.62 9.89
C ALA A 59 -3.93 21.17 8.64
N SER A 60 -2.63 21.21 8.70
CA SER A 60 -1.78 20.75 7.59
C SER A 60 -0.92 19.61 8.10
N VAL A 61 -0.61 18.72 7.16
CA VAL A 61 0.34 17.62 7.29
C VAL A 61 1.32 17.70 6.14
N GLY A 62 2.60 17.57 6.42
CA GLY A 62 3.56 17.60 5.35
C GLY A 62 4.76 16.80 5.66
N VAL A 63 5.70 16.79 4.68
CA VAL A 63 6.96 16.08 4.79
C VAL A 63 8.09 17.05 4.53
N LEU A 64 9.08 17.02 5.40
CA LEU A 64 10.32 17.74 5.31
C LEU A 64 11.38 16.75 4.83
N PHE A 65 11.95 16.99 3.68
CA PHE A 65 12.78 15.96 3.01
C PHE A 65 14.16 15.81 3.55
N GLY A 66 14.73 14.61 3.35
CA GLY A 66 16.11 14.39 3.72
C GLY A 66 16.78 13.55 2.63
N ASP A 67 18.09 13.60 2.63
CA ASP A 67 18.95 12.67 1.83
C ASP A 67 20.03 12.22 2.76
N SER A 68 20.11 10.92 2.98
CA SER A 68 21.22 10.34 3.73
C SER A 68 21.38 10.90 5.10
N GLY A 69 20.22 11.23 5.70
CA GLY A 69 20.16 11.68 7.08
C GLY A 69 20.14 13.13 7.32
N ILE A 70 20.38 13.94 6.27
CA ILE A 70 20.39 15.38 6.43
C ILE A 70 19.40 16.06 5.50
N LEU A 71 19.05 17.30 5.84
CA LEU A 71 18.10 18.05 5.08
C LEU A 71 18.44 18.11 3.58
N SER A 72 17.45 18.01 2.73
CA SER A 72 17.62 18.09 1.28
C SER A 72 16.44 18.67 0.62
N LYS A 73 16.66 19.47 -0.39
CA LYS A 73 15.61 19.72 -1.32
C LYS A 73 15.38 18.51 -2.17
N ARG A 74 14.16 18.36 -2.60
CA ARG A 74 13.80 17.36 -3.60
C ARG A 74 12.93 17.93 -4.68
N SER A 75 12.98 17.31 -5.84
N SER A 75 13.00 17.33 -5.85
CA SER A 75 12.11 17.63 -6.95
CA SER A 75 12.10 17.64 -6.93
C SER A 75 10.80 16.82 -6.88
C SER A 75 10.83 16.81 -6.72
N VAL A 76 9.69 17.50 -6.60
CA VAL A 76 8.44 16.88 -6.27
C VAL A 76 7.33 17.23 -7.23
N ASP A 77 6.64 16.23 -7.73
CA ASP A 77 5.52 16.43 -8.60
C ASP A 77 4.25 15.61 -8.31
N ASN A 78 4.21 15.04 -7.08
CA ASN A 78 3.18 14.11 -6.72
C ASN A 78 3.08 14.06 -5.18
N LEU A 79 1.91 13.58 -4.78
CA LEU A 79 1.57 13.26 -3.40
C LEU A 79 0.47 12.28 -3.41
N SER A 80 0.57 11.26 -2.55
N SER A 80 0.56 11.30 -2.51
CA SER A 80 -0.55 10.34 -2.35
CA SER A 80 -0.48 10.30 -2.34
C SER A 80 -0.91 10.34 -0.88
C SER A 80 -0.90 10.31 -0.88
N VAL A 81 -2.23 10.31 -0.62
CA VAL A 81 -2.74 10.40 0.76
C VAL A 81 -3.83 9.39 0.96
N GLY A 82 -3.61 8.54 1.95
CA GLY A 82 -4.60 7.55 2.35
C GLY A 82 -5.47 8.12 3.46
N PHE A 83 -6.62 8.64 3.09
CA PHE A 83 -7.56 9.11 4.09
C PHE A 83 -8.22 7.96 4.82
N HIS A 84 -8.49 8.15 6.11
CA HIS A 84 -9.20 7.22 6.93
C HIS A 84 -10.49 7.83 7.42
N GLU A 85 -11.49 6.99 7.65
N GLU A 85 -11.48 7.00 7.68
CA GLU A 85 -12.81 7.44 8.13
CA GLU A 85 -12.73 7.52 8.23
C GLU A 85 -13.30 6.53 9.25
C GLU A 85 -13.34 6.56 9.22
N ASP A 86 -13.94 7.14 10.24
CA ASP A 86 -14.75 6.43 11.23
C ASP A 86 -15.89 7.43 11.63
N HIS A 87 -16.62 7.17 12.71
N HIS A 87 -16.62 7.15 12.71
CA HIS A 87 -17.71 8.07 13.09
CA HIS A 87 -17.70 8.06 13.11
C HIS A 87 -17.22 9.48 13.45
C HIS A 87 -17.19 9.49 13.35
N GLY A 88 -15.96 9.60 13.85
CA GLY A 88 -15.40 10.87 14.24
C GLY A 88 -14.50 11.67 13.33
N VAL A 89 -13.95 11.00 12.29
CA VAL A 89 -13.04 11.62 11.38
C VAL A 89 -13.27 11.15 9.96
N GLY A 90 -12.69 11.86 9.01
CA GLY A 90 -12.69 11.42 7.62
C GLY A 90 -11.90 12.33 6.74
N ALA A 91 -12.07 12.15 5.42
CA ALA A 91 -11.43 13.04 4.45
C ALA A 91 -11.90 14.48 4.69
N PRO A 92 -11.09 15.46 4.31
CA PRO A 92 -11.47 16.86 4.55
C PRO A 92 -12.46 17.34 3.50
N LYS A 93 -13.19 18.41 3.81
CA LYS A 93 -14.07 18.98 2.80
C LYS A 93 -13.34 19.88 1.82
N SER A 94 -12.18 20.43 2.16
CA SER A 94 -11.43 21.25 1.26
C SER A 94 -9.97 21.13 1.62
N TYR A 95 -9.09 21.43 0.69
CA TYR A 95 -7.65 21.38 0.91
C TYR A 95 -6.88 22.19 -0.08
N VAL A 96 -5.66 22.48 0.25
CA VAL A 96 -4.71 23.11 -0.64
C VAL A 96 -3.39 22.37 -0.45
N ILE A 97 -2.75 22.02 -1.55
CA ILE A 97 -1.40 21.46 -1.51
C ILE A 97 -0.38 22.56 -1.82
N GLU A 98 0.63 22.66 -0.98
N GLU A 98 0.63 22.70 -0.98
CA GLU A 98 1.58 23.79 -0.95
CA GLU A 98 1.55 23.80 -1.11
C GLU A 98 2.98 23.31 -0.85
C GLU A 98 2.97 23.37 -0.82
N TYR A 99 3.93 24.12 -1.32
CA TYR A 99 5.33 23.84 -1.21
C TYR A 99 6.11 24.98 -0.63
N TYR A 100 7.21 24.66 0.02
CA TYR A 100 7.96 25.60 0.79
C TYR A 100 8.88 26.39 -0.16
N VAL A 101 8.85 27.72 0.02
CA VAL A 101 9.63 28.66 -0.78
C VAL A 101 10.39 29.66 0.06
N GLY A 102 10.37 29.52 1.38
CA GLY A 102 11.12 30.45 2.23
C GLY A 102 12.59 30.46 1.91
N LYS A 103 13.21 31.63 1.99
CA LYS A 103 14.65 31.72 1.92
C LYS A 103 15.36 31.18 3.15
N THR A 104 14.68 31.14 4.30
CA THR A 104 15.27 30.54 5.47
C THR A 104 15.22 29.01 5.30
N VAL A 105 16.34 28.37 5.43
CA VAL A 105 16.42 26.92 5.43
C VAL A 105 15.63 26.41 6.68
N PRO A 106 14.60 25.58 6.46
CA PRO A 106 13.84 25.08 7.61
C PRO A 106 14.64 24.19 8.49
N THR A 107 14.35 24.23 9.78
CA THR A 107 14.90 23.31 10.79
C THR A 107 13.84 22.23 11.01
N ALA A 108 14.25 21.10 11.57
CA ALA A 108 13.26 20.12 12.02
C ALA A 108 12.52 20.79 13.19
N PRO A 109 11.16 20.77 13.14
CA PRO A 109 10.42 21.24 14.31
C PRO A 109 10.79 20.48 15.58
N LYS A 110 10.77 21.18 16.71
CA LYS A 110 11.04 20.56 17.99
C LYS A 110 9.95 19.59 18.39
N ASN A 111 8.72 19.91 17.98
N ASN A 111 8.72 19.89 17.97
CA ASN A 111 7.58 19.06 18.27
CA ASN A 111 7.54 19.08 18.32
C ASN A 111 6.77 18.92 16.98
C ASN A 111 6.75 18.91 17.01
N PRO A 112 7.17 17.97 16.11
CA PRO A 112 6.64 17.92 14.74
C PRO A 112 5.16 17.69 14.59
N SER A 113 4.48 17.12 15.59
CA SER A 113 3.03 16.93 15.51
C SER A 113 2.28 18.26 15.82
N PHE A 114 3.02 19.24 16.31
CA PHE A 114 2.38 20.47 16.83
C PHE A 114 3.13 21.70 16.41
N VAL A 115 3.45 21.85 15.12
CA VAL A 115 4.32 22.91 14.66
C VAL A 115 3.70 24.29 14.98
N GLY A 116 2.40 24.36 14.98
CA GLY A 116 1.75 25.63 15.32
C GLY A 116 1.99 26.13 16.70
N ASN A 117 2.47 25.28 17.60
CA ASN A 117 2.78 25.66 19.00
C ASN A 117 4.21 26.05 19.22
N GLU A 118 5.00 26.30 18.17
CA GLU A 118 6.38 26.74 18.29
C GLU A 118 6.68 27.77 17.21
N ASP A 119 7.76 28.54 17.39
N ASP A 119 7.73 28.56 17.39
CA ASP A 119 8.23 29.47 16.38
CA ASP A 119 8.16 29.54 16.40
C ASP A 119 8.93 28.70 15.30
C ASP A 119 8.94 28.80 15.31
N HIS A 120 8.34 28.75 14.12
CA HIS A 120 8.91 27.99 13.01
C HIS A 120 8.48 28.63 11.70
N VAL A 121 9.41 28.58 10.73
CA VAL A 121 9.16 29.11 9.38
C VAL A 121 7.92 28.54 8.74
N PHE A 122 7.59 27.31 9.09
CA PHE A 122 6.41 26.72 8.49
C PHE A 122 5.10 27.44 8.83
N ASN A 123 5.08 28.16 9.95
CA ASN A 123 3.88 28.84 10.35
C ASN A 123 3.63 30.16 9.61
N ASP A 124 4.63 30.64 8.87
CA ASP A 124 4.49 31.91 8.08
C ASP A 124 3.97 31.58 6.70
N SER A 125 2.78 32.03 6.37
CA SER A 125 2.17 31.76 5.06
C SER A 125 3.01 32.36 3.91
N ALA A 126 3.85 33.37 4.13
CA ALA A 126 4.75 33.86 3.07
C ALA A 126 5.77 32.81 2.61
N ASN A 127 5.94 31.75 3.39
CA ASN A 127 6.92 30.75 3.06
C ASN A 127 6.37 29.59 2.24
N TRP A 128 5.11 29.65 1.87
CA TRP A 128 4.43 28.65 1.10
C TRP A 128 3.80 29.21 -0.17
N LYS A 129 3.84 28.42 -1.25
CA LYS A 129 3.01 28.70 -2.39
C LYS A 129 2.22 27.48 -2.78
N PRO A 130 1.06 27.67 -3.41
CA PRO A 130 0.30 26.53 -3.85
C PRO A 130 0.89 25.84 -5.07
N VAL A 131 0.80 24.51 -5.13
CA VAL A 131 1.21 23.81 -6.32
C VAL A 131 0.35 24.29 -7.53
N THR A 132 0.92 24.15 -8.71
CA THR A 132 0.20 24.55 -9.93
C THR A 132 -0.18 23.36 -10.81
N ASN A 133 -1.25 23.52 -11.55
CA ASN A 133 -1.78 22.52 -12.43
C ASN A 133 -1.98 21.18 -11.73
N LEU A 134 -2.61 21.32 -10.60
CA LEU A 134 -3.02 20.17 -9.82
C LEU A 134 -3.96 19.26 -10.57
N LYS A 135 -3.65 17.99 -10.52
CA LYS A 135 -4.56 16.96 -10.91
C LYS A 135 -4.86 16.17 -9.63
N ALA A 136 -6.14 16.01 -9.37
CA ALA A 136 -6.60 15.43 -8.08
C ALA A 136 -7.80 14.59 -8.39
N PRO A 137 -8.15 13.69 -7.47
CA PRO A 137 -9.43 13.06 -7.59
C PRO A 137 -10.60 14.03 -7.59
N ALA A 138 -11.68 13.70 -8.31
CA ALA A 138 -12.86 14.59 -8.35
C ALA A 138 -13.53 14.66 -7.00
N GLN A 139 -13.43 13.56 -6.24
CA GLN A 139 -13.79 13.59 -4.83
C GLN A 139 -12.83 12.74 -4.04
N LEU A 140 -12.41 13.25 -2.90
CA LEU A 140 -11.56 12.47 -2.01
C LEU A 140 -12.34 11.32 -1.45
N LYS A 141 -11.65 10.19 -1.27
CA LYS A 141 -12.26 9.00 -0.75
C LYS A 141 -11.42 8.42 0.39
N ALA A 142 -12.07 8.12 1.50
CA ALA A 142 -11.42 7.36 2.51
C ALA A 142 -11.30 5.95 2.02
N GLY A 143 -10.32 5.24 2.55
CA GLY A 143 -10.16 3.81 2.29
C GLY A 143 -9.26 3.44 1.13
N GLU A 144 -8.52 4.40 0.60
CA GLU A 144 -7.58 4.16 -0.46
C GLU A 144 -6.59 5.28 -0.51
N MSE A 145 -5.48 5.08 -1.23
CA MSE A 145 -4.49 6.13 -1.48
C MSE A 145 -5.03 7.03 -2.55
O MSE A 145 -5.36 6.58 -3.67
CB MSE A 145 -3.20 5.49 -1.92
CG MSE A 145 -2.52 4.56 -0.93
SE MSE A 145 -2.15 5.33 0.85
CE MSE A 145 -0.75 6.58 0.32
N ASN A 146 -5.18 8.31 -2.23
CA ASN A 146 -5.72 9.32 -3.15
C ASN A 146 -4.53 10.00 -3.78
N HIS A 147 -4.45 9.99 -5.11
CA HIS A 147 -3.25 10.45 -5.80
C HIS A 147 -3.41 11.83 -6.40
N PHE A 148 -2.42 12.65 -6.16
CA PHE A 148 -2.28 14.02 -6.64
C PHE A 148 -1.00 14.19 -7.44
N SER A 149 -1.09 14.99 -8.53
CA SER A 149 0.08 15.33 -9.30
C SER A 149 -0.03 16.81 -9.68
N PHE A 150 1.13 17.39 -9.86
CA PHE A 150 1.25 18.84 -10.06
C PHE A 150 2.59 19.14 -10.69
N ASP A 151 2.74 20.39 -11.15
CA ASP A 151 3.98 20.77 -11.74
C ASP A 151 5.17 20.55 -10.79
N LYS A 152 6.25 19.99 -11.28
CA LYS A 152 7.42 19.79 -10.51
C LYS A 152 7.97 21.06 -9.84
N VAL A 153 8.28 20.98 -8.56
CA VAL A 153 8.95 22.00 -7.76
C VAL A 153 10.14 21.42 -7.01
N GLU A 154 11.17 22.22 -6.83
N GLU A 154 11.16 22.23 -6.81
CA GLU A 154 12.30 21.89 -6.01
CA GLU A 154 12.31 21.88 -6.00
C GLU A 154 12.03 22.53 -4.67
C GLU A 154 12.18 22.54 -4.64
N THR A 155 11.98 21.72 -3.61
CA THR A 155 11.54 22.26 -2.32
C THR A 155 12.04 21.39 -1.18
N TYR A 156 12.20 22.03 -0.01
CA TYR A 156 12.49 21.30 1.23
C TYR A 156 11.25 20.59 1.80
N ALA A 157 10.05 21.00 1.41
CA ALA A 157 8.82 20.46 2.06
C ALA A 157 7.61 20.69 1.25
N ILE A 158 6.69 19.72 1.35
N ILE A 158 6.69 19.74 1.27
CA ILE A 158 5.39 19.69 0.76
CA ILE A 158 5.36 19.99 0.84
C ILE A 158 4.38 19.54 1.92
C ILE A 158 4.44 19.67 1.97
N ARG A 159 3.27 20.27 1.92
CA ARG A 159 2.21 19.97 2.86
C ARG A 159 0.84 20.04 2.21
N ILE A 160 -0.11 19.35 2.81
CA ILE A 160 -1.48 19.42 2.46
C ILE A 160 -2.24 20.03 3.66
N ARG A 161 -2.91 21.15 3.37
CA ARG A 161 -3.59 21.98 4.39
C ARG A 161 -5.08 21.83 4.17
N MSE A 162 -5.78 21.38 5.22
CA MSE A 162 -7.07 20.75 5.07
C MSE A 162 -8.11 21.19 6.08
O MSE A 162 -7.80 21.33 7.25
CB MSE A 162 -6.95 19.24 5.33
CG MSE A 162 -6.00 18.60 4.31
SE MSE A 162 -5.51 16.78 4.85
CE MSE A 162 -4.44 17.22 6.42
N VAL A 163 -9.33 21.43 5.64
CA VAL A 163 -10.42 21.75 6.56
C VAL A 163 -11.30 20.54 6.74
N LYS A 164 -11.59 20.16 7.98
CA LYS A 164 -12.43 19.02 8.23
C LYS A 164 -13.83 19.12 7.68
N ALA A 165 -14.44 17.99 7.46
CA ALA A 165 -15.83 17.94 7.01
C ALA A 165 -16.69 18.43 8.19
N ASP A 166 -17.80 19.08 7.86
CA ASP A 166 -18.68 19.60 8.90
C ASP A 166 -19.33 18.55 9.77
N ASN A 167 -19.56 17.37 9.25
CA ASN A 167 -20.09 16.28 10.01
C ASN A 167 -19.06 15.40 10.74
N LYS A 168 -17.80 15.86 10.78
CA LYS A 168 -16.76 15.12 11.47
C LYS A 168 -16.14 16.00 12.54
N ARG A 169 -15.39 15.38 13.44
CA ARG A 169 -14.66 16.08 14.47
C ARG A 169 -13.14 16.22 14.11
N GLY A 170 -12.77 15.74 12.91
CA GLY A 170 -11.41 15.93 12.43
C GLY A 170 -11.18 15.27 11.10
N THR A 171 -9.95 15.54 10.59
CA THR A 171 -9.43 14.97 9.36
C THR A 171 -8.51 13.85 9.78
N SER A 172 -8.36 12.88 8.91
CA SER A 172 -7.60 11.69 9.22
C SER A 172 -6.82 11.09 8.03
N ILE A 173 -5.58 10.70 8.27
CA ILE A 173 -4.66 10.16 7.27
C ILE A 173 -3.88 9.00 7.88
N THR A 174 -3.95 7.83 7.22
CA THR A 174 -3.13 6.69 7.70
C THR A 174 -1.67 6.72 7.14
N GLU A 175 -1.52 7.25 5.94
CA GLU A 175 -0.19 7.29 5.29
C GLU A 175 -0.23 8.28 4.17
N VAL A 176 0.93 8.93 3.97
CA VAL A 176 1.18 9.67 2.74
C VAL A 176 2.36 9.02 2.06
N GLN A 177 2.44 9.17 0.74
CA GLN A 177 3.63 8.73 -0.01
C GLN A 177 3.96 9.78 -1.09
N ILE A 178 5.25 10.07 -1.18
CA ILE A 178 5.78 10.98 -2.19
C ILE A 178 6.93 10.25 -2.89
N PHE A 179 6.94 10.33 -4.23
CA PHE A 179 7.98 9.62 -5.02
C PHE A 179 8.86 10.56 -5.84
N ALA A 180 10.11 10.18 -5.91
CA ALA A 180 11.06 10.79 -6.85
C ALA A 180 10.73 10.35 -8.25
N LYS A 181 11.18 11.15 -9.22
CA LYS A 181 11.08 10.81 -10.64
C LYS A 181 12.35 10.16 -11.12
N GLN B 4 -6.42 -32.22 -15.68
CA GLN B 4 -6.44 -31.65 -14.29
C GLN B 4 -7.74 -30.87 -13.95
N GLY B 5 -8.67 -30.77 -14.89
CA GLY B 5 -9.87 -29.95 -14.68
C GLY B 5 -9.66 -28.54 -15.28
N ALA B 6 -10.60 -27.68 -15.01
CA ALA B 6 -10.58 -26.32 -15.51
C ALA B 6 -9.47 -25.52 -14.77
N ASN B 7 -8.77 -24.68 -15.50
CA ASN B 7 -7.83 -23.71 -14.91
C ASN B 7 -8.67 -22.53 -14.42
N ILE B 8 -8.82 -22.41 -13.12
CA ILE B 8 -9.69 -21.45 -12.46
C ILE B 8 -8.93 -20.22 -11.94
N SER B 9 -7.68 -20.05 -12.29
CA SER B 9 -6.91 -18.89 -11.94
C SER B 9 -6.59 -17.97 -13.13
N ASP B 10 -6.47 -18.53 -14.36
CA ASP B 10 -6.05 -17.73 -15.49
C ASP B 10 -7.02 -16.56 -15.72
N GLN B 11 -6.44 -15.40 -15.99
N GLN B 11 -6.41 -15.41 -16.03
CA GLN B 11 -7.25 -14.24 -16.36
CA GLN B 11 -7.16 -14.25 -16.56
C GLN B 11 -7.88 -14.51 -17.74
C GLN B 11 -7.94 -14.67 -17.76
N TRP B 12 -9.14 -14.09 -17.89
CA TRP B 12 -9.92 -14.12 -19.14
C TRP B 12 -10.11 -12.71 -19.66
N THR B 13 -9.79 -12.52 -20.93
N THR B 13 -9.76 -12.49 -20.92
CA THR B 13 -10.01 -11.23 -21.57
CA THR B 13 -9.95 -11.18 -21.50
C THR B 13 -11.48 -10.81 -21.43
C THR B 13 -11.42 -10.79 -21.44
N GLY B 14 -11.66 -9.57 -21.01
CA GLY B 14 -12.99 -9.05 -20.85
C GLY B 14 -13.65 -9.36 -19.54
N SER B 15 -13.02 -10.20 -18.72
CA SER B 15 -13.58 -10.51 -17.42
C SER B 15 -12.74 -9.95 -16.24
N GLU B 16 -13.42 -9.42 -15.26
CA GLU B 16 -12.81 -8.89 -14.07
C GLU B 16 -12.21 -10.07 -13.29
N LEU B 17 -12.91 -11.16 -13.29
CA LEU B 17 -12.56 -12.31 -12.43
C LEU B 17 -12.49 -13.56 -13.24
N PRO B 18 -11.59 -14.47 -12.90
CA PRO B 18 -10.69 -14.42 -11.71
C PRO B 18 -9.62 -13.36 -11.86
N LEU B 19 -9.15 -12.86 -10.73
CA LEU B 19 -8.05 -11.91 -10.73
C LEU B 19 -7.06 -12.29 -9.65
N ALA B 20 -5.82 -12.00 -9.93
CA ALA B 20 -4.78 -12.16 -8.94
C ALA B 20 -4.65 -10.91 -8.10
N PHE B 21 -4.28 -11.11 -6.84
CA PHE B 21 -4.10 -10.01 -5.87
C PHE B 21 -2.87 -10.22 -5.02
N ALA B 22 -2.33 -9.12 -4.50
CA ALA B 22 -1.17 -9.21 -3.62
C ALA B 22 -1.35 -8.20 -2.52
N SER B 23 -0.80 -8.47 -1.36
CA SER B 23 -0.71 -7.44 -0.29
C SER B 23 0.10 -6.23 -0.75
N ASP B 24 1.20 -6.47 -1.45
CA ASP B 24 2.10 -5.44 -1.91
C ASP B 24 2.96 -6.06 -2.98
N SER B 25 3.51 -5.18 -3.79
CA SER B 25 4.34 -5.52 -4.93
C SER B 25 5.44 -4.51 -5.17
N ASN B 26 6.54 -4.95 -5.75
CA ASN B 26 7.41 -4.04 -6.47
C ASN B 26 6.64 -3.57 -7.65
N PRO B 27 6.50 -2.22 -7.82
CA PRO B 27 5.60 -1.74 -8.86
C PRO B 27 5.81 -2.20 -10.28
N SER B 28 7.03 -2.50 -10.68
CA SER B 28 7.29 -2.96 -12.01
C SER B 28 7.04 -4.44 -12.24
N ASP B 29 6.60 -5.09 -11.15
CA ASP B 29 6.29 -6.53 -11.08
C ASP B 29 4.87 -6.74 -10.55
N PRO B 30 3.90 -6.21 -11.30
CA PRO B 30 2.49 -6.28 -10.83
C PRO B 30 2.00 -7.72 -10.70
N VAL B 31 1.09 -7.92 -9.74
CA VAL B 31 0.55 -9.26 -9.51
C VAL B 31 -0.24 -9.83 -10.67
N SER B 32 -0.72 -9.00 -11.61
CA SER B 32 -1.39 -9.48 -12.83
C SER B 32 -0.49 -10.39 -13.64
N ASN B 33 0.82 -10.28 -13.40
CA ASN B 33 1.77 -11.19 -14.08
C ASN B 33 1.63 -12.62 -13.63
N VAL B 34 0.98 -12.94 -12.51
CA VAL B 34 0.99 -14.37 -12.07
C VAL B 34 -0.14 -15.19 -12.67
N ASN B 35 -1.06 -14.61 -13.44
CA ASN B 35 -2.14 -15.41 -14.01
C ASN B 35 -2.41 -15.02 -15.48
N ASP B 36 -1.34 -14.67 -16.15
CA ASP B 36 -1.39 -14.21 -17.57
C ASP B 36 -0.95 -15.28 -18.57
N LYS B 37 -0.73 -16.50 -18.07
CA LYS B 37 -0.35 -17.66 -18.90
C LYS B 37 1.06 -17.59 -19.41
N LEU B 38 1.81 -16.57 -19.11
CA LEU B 38 3.21 -16.50 -19.47
C LEU B 38 4.01 -17.03 -18.31
N ILE B 39 4.93 -17.95 -18.58
CA ILE B 39 5.80 -18.55 -17.59
C ILE B 39 7.22 -18.24 -17.97
N SER B 40 7.92 -17.43 -17.20
CA SER B 40 9.29 -17.13 -17.45
C SER B 40 10.13 -17.12 -16.22
N TYR B 41 11.26 -17.83 -16.28
CA TYR B 41 12.19 -17.90 -15.18
C TYR B 41 13.45 -17.00 -15.36
N ASN B 42 13.41 -16.12 -16.34
CA ASN B 42 14.54 -15.22 -16.60
C ASN B 42 14.03 -13.87 -17.00
N ASN B 43 14.83 -13.08 -17.72
CA ASN B 43 14.40 -11.76 -18.11
C ASN B 43 14.11 -11.67 -19.60
N GLN B 44 13.79 -12.82 -20.19
CA GLN B 44 13.58 -12.92 -21.62
C GLN B 44 12.27 -13.61 -21.93
N PRO B 45 11.15 -12.99 -21.55
CA PRO B 45 10.98 -11.68 -20.94
C PRO B 45 10.83 -11.82 -19.45
N ALA B 46 11.08 -10.74 -18.75
CA ALA B 46 10.77 -10.67 -17.34
C ALA B 46 9.27 -10.72 -17.18
N ASN B 47 8.80 -11.67 -16.38
CA ASN B 47 7.39 -11.82 -16.19
C ASN B 47 7.17 -12.42 -14.79
N ARG B 48 6.86 -11.57 -13.81
CA ARG B 48 6.79 -12.02 -12.46
C ARG B 48 6.11 -10.96 -11.58
N TRP B 49 5.45 -11.46 -10.55
CA TRP B 49 5.23 -10.66 -9.34
C TRP B 49 6.42 -10.77 -8.49
N THR B 50 6.86 -9.67 -7.86
CA THR B 50 7.73 -9.75 -6.74
C THR B 50 7.39 -8.69 -5.71
N ASN B 51 7.92 -8.87 -4.51
CA ASN B 51 7.94 -7.80 -3.48
C ASN B 51 9.37 -7.36 -3.24
N TRP B 52 10.14 -7.36 -4.33
CA TRP B 52 11.55 -6.91 -4.21
C TRP B 52 11.62 -5.50 -3.60
N ASN B 53 12.45 -5.42 -2.58
CA ASN B 53 12.80 -4.18 -1.89
C ASN B 53 11.63 -3.52 -1.19
N ARG B 54 10.57 -4.25 -0.96
N ARG B 54 10.53 -4.22 -1.01
CA ARG B 54 9.44 -3.71 -0.20
CA ARG B 54 9.41 -3.66 -0.26
C ARG B 54 9.69 -3.79 1.27
C ARG B 54 9.69 -3.76 1.23
N SER B 55 9.08 -2.86 2.00
CA SER B 55 9.37 -2.80 3.40
C SER B 55 8.98 -4.07 4.18
N ASN B 56 7.80 -4.65 3.91
CA ASN B 56 7.38 -5.83 4.64
C ASN B 56 8.04 -7.09 4.07
N PRO B 57 8.74 -7.85 4.89
CA PRO B 57 9.35 -9.09 4.44
C PRO B 57 8.29 -10.16 4.12
N GLU B 58 7.08 -9.97 4.61
CA GLU B 58 5.99 -10.95 4.38
C GLU B 58 5.06 -10.32 3.39
N ALA B 59 4.65 -11.10 2.37
CA ALA B 59 3.58 -10.66 1.48
C ALA B 59 2.76 -11.87 1.05
N SER B 60 1.56 -11.63 0.60
CA SER B 60 0.71 -12.67 0.06
C SER B 60 0.30 -12.40 -1.37
N VAL B 61 0.08 -13.51 -2.07
CA VAL B 61 -0.42 -13.50 -3.46
C VAL B 61 -1.56 -14.48 -3.54
N GLY B 62 -2.68 -14.07 -4.08
CA GLY B 62 -3.86 -14.96 -4.16
C GLY B 62 -4.64 -14.77 -5.41
N VAL B 63 -5.73 -15.53 -5.48
CA VAL B 63 -6.67 -15.46 -6.60
C VAL B 63 -8.04 -15.36 -6.02
N LEU B 64 -8.79 -14.40 -6.56
CA LEU B 64 -10.21 -14.21 -6.26
C LEU B 64 -10.98 -14.75 -7.48
N PHE B 65 -11.84 -15.72 -7.24
CA PHE B 65 -12.40 -16.55 -8.29
C PHE B 65 -13.58 -15.93 -8.97
N GLY B 66 -13.78 -16.37 -10.20
CA GLY B 66 -14.99 -15.98 -10.94
C GLY B 66 -15.52 -17.16 -11.74
N ASP B 67 -16.75 -17.04 -12.21
CA ASP B 67 -17.34 -18.00 -13.14
C ASP B 67 -18.19 -17.17 -14.06
N SER B 68 -17.88 -17.27 -15.36
CA SER B 68 -18.69 -16.62 -16.38
C SER B 68 -18.73 -15.13 -16.21
N GLY B 69 -17.66 -14.57 -15.63
CA GLY B 69 -17.51 -13.12 -15.53
C GLY B 69 -17.89 -12.54 -14.22
N ILE B 70 -18.38 -13.32 -13.26
CA ILE B 70 -18.78 -12.78 -11.96
C ILE B 70 -18.23 -13.57 -10.84
N LEU B 71 -18.17 -12.96 -9.66
CA LEU B 71 -17.65 -13.66 -8.46
C LEU B 71 -18.32 -15.01 -8.28
N SER B 72 -17.51 -16.00 -7.91
CA SER B 72 -17.98 -17.31 -7.54
C SER B 72 -17.13 -17.95 -6.47
N LYS B 73 -17.77 -18.68 -5.57
CA LYS B 73 -17.02 -19.58 -4.73
C LYS B 73 -16.57 -20.66 -5.62
N ARG B 74 -15.45 -21.28 -5.33
CA ARG B 74 -15.00 -22.42 -6.03
C ARG B 74 -14.57 -23.46 -5.02
N SER B 75 -14.65 -24.72 -5.39
N SER B 75 -14.68 -24.73 -5.39
CA SER B 75 -14.09 -25.81 -4.60
CA SER B 75 -14.11 -25.86 -4.64
C SER B 75 -12.67 -26.08 -5.02
C SER B 75 -12.65 -26.07 -5.02
N VAL B 76 -11.74 -25.80 -4.09
CA VAL B 76 -10.36 -25.76 -4.34
C VAL B 76 -9.57 -26.76 -3.44
N ASP B 77 -8.74 -27.57 -4.05
CA ASP B 77 -7.86 -28.49 -3.35
C ASP B 77 -6.42 -28.49 -3.81
N ASN B 78 -5.98 -27.45 -4.54
CA ASN B 78 -4.67 -27.43 -5.13
C ASN B 78 -4.27 -25.99 -5.40
N LEU B 79 -2.95 -25.82 -5.47
CA LEU B 79 -2.30 -24.60 -5.92
C LEU B 79 -0.94 -24.95 -6.46
N SER B 80 -0.52 -24.34 -7.54
N SER B 80 -0.51 -24.31 -7.53
CA SER B 80 0.80 -24.54 -8.12
CA SER B 80 0.78 -24.52 -8.17
C SER B 80 1.40 -23.17 -8.28
C SER B 80 1.43 -23.18 -8.36
N VAL B 81 2.68 -23.06 -7.92
CA VAL B 81 3.36 -21.76 -7.94
C VAL B 81 4.69 -21.93 -8.60
N GLY B 82 4.94 -21.12 -9.63
CA GLY B 82 6.21 -21.08 -10.34
C GLY B 82 7.09 -20.01 -9.76
N PHE B 83 7.97 -20.37 -8.88
CA PHE B 83 8.91 -19.39 -8.29
C PHE B 83 10.02 -19.04 -9.26
N HIS B 84 10.45 -17.76 -9.20
CA HIS B 84 11.56 -17.27 -10.00
C HIS B 84 12.67 -16.83 -9.06
N GLU B 85 13.93 -16.89 -9.54
N GLU B 85 13.92 -16.89 -9.52
CA GLU B 85 15.02 -16.44 -8.72
CA GLU B 85 15.00 -16.37 -8.71
C GLU B 85 16.01 -15.62 -9.53
C GLU B 85 16.01 -15.61 -9.53
N ASP B 86 16.63 -14.64 -8.85
CA ASP B 86 17.81 -13.92 -9.37
C ASP B 86 18.56 -13.44 -8.16
N HIS B 87 19.55 -12.53 -8.34
CA HIS B 87 20.36 -12.15 -7.19
C HIS B 87 19.49 -11.47 -6.08
N GLY B 88 18.37 -10.86 -6.54
CA GLY B 88 17.48 -10.11 -5.64
C GLY B 88 16.30 -10.83 -5.01
N VAL B 89 15.84 -11.90 -5.64
CA VAL B 89 14.59 -12.50 -5.23
C VAL B 89 14.71 -14.03 -5.39
N GLY B 90 13.75 -14.72 -4.84
CA GLY B 90 13.67 -16.17 -5.01
C GLY B 90 12.47 -16.72 -4.29
N ALA B 91 12.45 -18.01 -4.12
CA ALA B 91 11.44 -18.62 -3.33
C ALA B 91 11.50 -18.16 -1.89
N PRO B 92 10.38 -18.17 -1.16
CA PRO B 92 10.35 -17.74 0.21
C PRO B 92 10.91 -18.79 1.19
N LYS B 93 11.30 -18.37 2.37
CA LYS B 93 11.77 -19.31 3.37
C LYS B 93 10.65 -19.97 4.10
N SER B 94 9.48 -19.33 4.13
CA SER B 94 8.37 -19.90 4.86
C SER B 94 7.08 -19.41 4.24
N TYR B 95 5.98 -20.14 4.47
CA TYR B 95 4.71 -19.77 3.89
C TYR B 95 3.55 -20.42 4.61
N VAL B 96 2.37 -19.82 4.37
CA VAL B 96 1.12 -20.38 4.76
C VAL B 96 0.16 -20.23 3.58
N ILE B 97 -0.59 -21.29 3.30
CA ILE B 97 -1.64 -21.27 2.27
C ILE B 97 -2.94 -21.23 3.00
N GLU B 98 -3.77 -20.24 2.69
CA GLU B 98 -4.95 -19.93 3.44
C GLU B 98 -6.10 -19.62 2.49
N TYR B 99 -7.31 -19.78 3.03
CA TYR B 99 -8.54 -19.59 2.25
C TYR B 99 -9.48 -18.68 2.92
N TYR B 100 -10.26 -17.98 2.13
CA TYR B 100 -11.12 -16.95 2.58
C TYR B 100 -12.39 -17.50 3.24
N VAL B 101 -12.66 -17.08 4.49
CA VAL B 101 -13.83 -17.50 5.26
C VAL B 101 -14.65 -16.33 5.73
N GLY B 102 -14.28 -15.11 5.37
CA GLY B 102 -15.01 -13.93 5.83
C GLY B 102 -16.48 -14.00 5.56
N LYS B 103 -17.30 -13.44 6.47
CA LYS B 103 -18.73 -13.39 6.21
C LYS B 103 -19.06 -12.38 5.11
N THR B 104 -18.23 -11.34 4.95
CA THR B 104 -18.47 -10.33 3.98
C THR B 104 -18.02 -10.81 2.59
N VAL B 105 -18.90 -10.74 1.61
CA VAL B 105 -18.54 -11.15 0.29
C VAL B 105 -17.41 -10.21 -0.25
N PRO B 106 -16.30 -10.77 -0.73
CA PRO B 106 -15.24 -9.84 -1.14
C PRO B 106 -15.58 -9.08 -2.42
N THR B 107 -14.95 -7.91 -2.62
CA THR B 107 -15.06 -7.17 -3.81
C THR B 107 -13.69 -7.23 -4.53
N ALA B 108 -13.64 -6.91 -5.82
CA ALA B 108 -12.36 -6.73 -6.50
C ALA B 108 -11.62 -5.60 -5.91
N PRO B 109 -10.36 -5.80 -5.50
CA PRO B 109 -9.59 -4.64 -5.03
C PRO B 109 -9.47 -3.52 -6.05
N LYS B 110 -9.42 -2.29 -5.60
CA LYS B 110 -9.21 -1.19 -6.50
C LYS B 110 -7.83 -1.26 -7.16
N ASN B 111 -6.81 -1.58 -6.37
N ASN B 111 -6.83 -1.57 -6.36
CA ASN B 111 -5.45 -1.80 -6.89
CA ASN B 111 -5.47 -1.82 -6.85
C ASN B 111 -4.95 -3.17 -6.44
C ASN B 111 -4.98 -3.20 -6.40
N PRO B 112 -5.25 -4.21 -7.22
CA PRO B 112 -4.94 -5.57 -6.83
C PRO B 112 -3.51 -5.87 -6.46
N SER B 113 -2.54 -5.11 -6.99
CA SER B 113 -1.15 -5.33 -6.65
C SER B 113 -0.79 -4.82 -5.25
N PHE B 114 -1.66 -4.00 -4.66
CA PHE B 114 -1.39 -3.29 -3.43
C PHE B 114 -2.59 -3.32 -2.50
N VAL B 115 -3.14 -4.51 -2.25
CA VAL B 115 -4.32 -4.58 -1.41
C VAL B 115 -4.08 -3.97 -0.04
N GLY B 116 -2.85 -4.06 0.49
CA GLY B 116 -2.53 -3.50 1.79
C GLY B 116 -2.64 -2.00 1.79
N ASN B 117 -2.72 -1.35 0.64
CA ASN B 117 -2.83 0.10 0.61
C ASN B 117 -4.25 0.63 0.58
N GLU B 118 -5.22 -0.27 0.67
CA GLU B 118 -6.66 0.14 0.68
C GLU B 118 -7.41 -0.62 1.73
N ASP B 119 -8.62 -0.16 2.00
CA ASP B 119 -9.51 -0.85 2.91
C ASP B 119 -10.22 -2.00 2.21
N HIS B 120 -9.90 -3.21 2.64
CA HIS B 120 -10.41 -4.40 1.98
C HIS B 120 -10.45 -5.55 2.93
N VAL B 121 -11.47 -6.41 2.78
CA VAL B 121 -11.60 -7.55 3.68
C VAL B 121 -10.41 -8.48 3.74
N PHE B 122 -9.66 -8.54 2.67
CA PHE B 122 -8.50 -9.42 2.62
C PHE B 122 -7.44 -9.04 3.66
N ASN B 123 -7.48 -7.77 4.09
CA ASN B 123 -6.50 -7.28 5.06
C ASN B 123 -6.78 -7.70 6.49
N ASP B 124 -7.93 -8.31 6.76
CA ASP B 124 -8.26 -8.76 8.11
C ASP B 124 -7.92 -10.23 8.26
N SER B 125 -6.94 -10.54 9.10
N SER B 125 -6.94 -10.55 9.09
CA SER B 125 -6.42 -11.89 9.28
CA SER B 125 -6.47 -11.93 9.20
C SER B 125 -7.55 -12.86 9.68
C SER B 125 -7.58 -12.88 9.66
N ALA B 126 -8.60 -12.35 10.33
CA ALA B 126 -9.66 -13.22 10.82
C ALA B 126 -10.53 -13.69 9.67
N ASN B 127 -10.32 -13.13 8.48
CA ASN B 127 -11.07 -13.61 7.31
C ASN B 127 -10.41 -14.76 6.57
N TRP B 128 -9.33 -15.30 7.10
CA TRP B 128 -8.56 -16.39 6.53
C TRP B 128 -8.36 -17.55 7.52
N LYS B 129 -8.41 -18.78 6.99
CA LYS B 129 -7.99 -19.98 7.71
C LYS B 129 -6.97 -20.75 6.91
N PRO B 130 -6.07 -21.48 7.56
CA PRO B 130 -5.10 -22.27 6.88
C PRO B 130 -5.71 -23.50 6.27
N VAL B 131 -5.20 -23.90 5.11
CA VAL B 131 -5.62 -25.16 4.51
C VAL B 131 -5.18 -26.31 5.45
N THR B 132 -5.84 -27.45 5.25
CA THR B 132 -5.54 -28.64 6.09
C THR B 132 -5.10 -29.82 5.24
N ASN B 133 -4.36 -30.75 5.86
CA ASN B 133 -3.75 -31.87 5.20
C ASN B 133 -3.00 -31.47 3.94
N LEU B 134 -2.13 -30.47 4.13
CA LEU B 134 -1.29 -30.02 3.07
C LEU B 134 -0.21 -30.98 2.65
N LYS B 135 -0.15 -31.22 1.36
CA LYS B 135 0.93 -31.92 0.71
C LYS B 135 1.68 -30.84 -0.07
N ALA B 136 2.94 -30.65 0.26
CA ALA B 136 3.77 -29.56 -0.26
C ALA B 136 5.06 -30.11 -0.77
N PRO B 137 5.79 -29.35 -1.60
CA PRO B 137 7.11 -29.77 -2.00
C PRO B 137 8.06 -30.00 -0.83
N ALA B 138 8.97 -30.98 -1.02
CA ALA B 138 10.08 -31.15 -0.08
C ALA B 138 10.81 -29.83 0.15
N GLN B 139 11.13 -29.19 -0.96
CA GLN B 139 11.77 -27.86 -0.96
C GLN B 139 11.17 -27.04 -2.09
N LEU B 140 10.80 -25.81 -1.78
CA LEU B 140 10.36 -24.91 -2.88
C LEU B 140 11.56 -24.61 -3.77
N LYS B 141 11.34 -24.65 -5.07
CA LYS B 141 12.38 -24.41 -6.02
C LYS B 141 11.97 -23.42 -7.07
N ALA B 142 12.82 -22.44 -7.34
CA ALA B 142 12.67 -21.62 -8.50
C ALA B 142 12.90 -22.43 -9.75
N GLY B 143 12.31 -22.01 -10.85
CA GLY B 143 12.56 -22.63 -12.14
C GLY B 143 11.58 -23.68 -12.55
N GLU B 144 10.58 -23.95 -11.73
CA GLU B 144 9.58 -24.94 -12.02
C GLU B 144 8.30 -24.61 -11.26
N MSE B 145 7.20 -25.26 -11.67
CA MSE B 145 5.96 -25.22 -10.92
C MSE B 145 6.08 -26.06 -9.67
O MSE B 145 6.44 -27.23 -9.73
CB MSE B 145 4.77 -25.67 -11.78
CG MSE B 145 4.62 -24.91 -13.09
SE MSE B 145 4.31 -22.94 -12.83
CE MSE B 145 2.70 -23.08 -11.84
N ASN B 146 5.76 -25.44 -8.55
CA ASN B 146 5.79 -26.10 -7.25
C ASN B 146 4.36 -26.44 -6.90
N HIS B 147 4.06 -27.72 -6.65
CA HIS B 147 2.70 -28.17 -6.45
C HIS B 147 2.30 -28.38 -5.01
N PHE B 148 1.09 -27.96 -4.67
CA PHE B 148 0.49 -28.07 -3.36
C PHE B 148 -0.88 -28.71 -3.54
N SER B 149 -1.30 -29.57 -2.61
CA SER B 149 -2.64 -30.03 -2.58
C SER B 149 -3.06 -30.10 -1.16
N PHE B 150 -4.35 -30.04 -0.93
CA PHE B 150 -4.92 -29.91 0.38
C PHE B 150 -6.39 -30.28 0.41
N ASP B 151 -6.98 -30.32 1.59
CA ASP B 151 -8.37 -30.69 1.75
C ASP B 151 -9.22 -29.69 0.97
N LYS B 152 -10.18 -30.16 0.19
CA LYS B 152 -11.07 -29.29 -0.56
C LYS B 152 -11.74 -28.30 0.30
N VAL B 153 -11.74 -27.03 -0.13
CA VAL B 153 -12.49 -25.98 0.51
C VAL B 153 -13.29 -25.17 -0.50
N GLU B 154 -14.45 -24.72 -0.09
N GLU B 154 -14.46 -24.72 -0.11
CA GLU B 154 -15.34 -23.88 -0.92
CA GLU B 154 -15.31 -23.87 -0.99
C GLU B 154 -15.08 -22.47 -0.47
C GLU B 154 -15.17 -22.45 -0.51
N THR B 155 -14.56 -21.64 -1.37
CA THR B 155 -14.14 -20.29 -1.02
C THR B 155 -14.15 -19.37 -2.22
N TYR B 156 -14.25 -18.09 -1.95
CA TYR B 156 -14.09 -17.03 -2.95
C TYR B 156 -12.61 -16.76 -3.27
N ALA B 157 -11.67 -17.13 -2.40
CA ALA B 157 -10.26 -16.81 -2.65
C ALA B 157 -9.31 -17.67 -1.87
N ILE B 158 -8.16 -17.93 -2.48
N ILE B 158 -8.18 -18.00 -2.44
CA ILE B 158 -7.04 -18.69 -1.91
CA ILE B 158 -7.10 -18.55 -1.64
C ILE B 158 -5.83 -17.74 -1.94
C ILE B 158 -5.91 -17.66 -1.86
N ARG B 159 -4.99 -17.73 -0.91
CA ARG B 159 -3.71 -17.01 -1.05
C ARG B 159 -2.59 -17.79 -0.41
N ILE B 160 -1.37 -17.50 -0.83
CA ILE B 160 -0.15 -18.02 -0.22
C ILE B 160 0.58 -16.81 0.34
N ARG B 161 0.82 -16.87 1.66
CA ARG B 161 1.42 -15.75 2.43
C ARG B 161 2.81 -16.16 2.83
N MSE B 162 3.80 -15.38 2.40
CA MSE B 162 5.18 -15.84 2.25
C MSE B 162 6.16 -14.87 2.88
O MSE B 162 6.01 -13.69 2.71
CB MSE B 162 5.59 -16.00 0.81
CG MSE B 162 4.65 -16.97 0.09
SE MSE B 162 4.77 -16.77 -1.86
CE MSE B 162 3.86 -15.03 -1.93
N VAL B 163 7.16 -15.42 3.58
CA VAL B 163 8.27 -14.60 4.12
C VAL B 163 9.47 -14.79 3.26
N LYS B 164 10.09 -13.68 2.82
CA LYS B 164 11.23 -13.78 1.92
C LYS B 164 12.40 -14.51 2.57
N ALA B 165 13.21 -15.15 1.75
CA ALA B 165 14.45 -15.74 2.25
C ALA B 165 15.35 -14.64 2.79
N ASP B 166 16.14 -15.02 3.80
CA ASP B 166 17.05 -14.07 4.42
C ASP B 166 18.08 -13.49 3.48
N ASN B 167 18.51 -14.26 2.49
CA ASN B 167 19.50 -13.77 1.54
C ASN B 167 18.94 -13.10 0.30
N LYS B 168 17.62 -12.79 0.36
CA LYS B 168 16.96 -12.16 -0.77
C LYS B 168 16.29 -10.87 -0.30
N ARG B 169 15.98 -10.02 -1.23
CA ARG B 169 15.17 -8.80 -0.90
C ARG B 169 13.71 -8.93 -1.29
N GLY B 170 13.31 -10.12 -1.72
CA GLY B 170 11.91 -10.40 -1.94
C GLY B 170 11.68 -11.80 -2.43
N THR B 171 10.40 -12.09 -2.54
CA THR B 171 9.87 -13.36 -3.07
C THR B 171 9.43 -13.07 -4.48
N SER B 172 9.39 -14.07 -5.36
CA SER B 172 9.15 -13.88 -6.78
C SER B 172 8.39 -15.05 -7.38
N ILE B 173 7.36 -14.75 -8.15
CA ILE B 173 6.49 -15.74 -8.77
C ILE B 173 6.24 -15.35 -10.18
N THR B 174 6.51 -16.24 -11.15
CA THR B 174 6.14 -15.98 -12.53
C THR B 174 4.69 -16.35 -12.87
N GLU B 175 4.18 -17.40 -12.26
CA GLU B 175 2.81 -17.83 -12.52
C GLU B 175 2.29 -18.67 -11.43
N VAL B 176 1.01 -18.57 -11.14
CA VAL B 176 0.29 -19.53 -10.33
C VAL B 176 -0.74 -20.27 -11.18
N GLN B 177 -1.14 -21.46 -10.75
CA GLN B 177 -2.24 -22.16 -11.43
C GLN B 177 -3.06 -22.86 -10.39
N ILE B 178 -4.36 -22.77 -10.52
CA ILE B 178 -5.28 -23.49 -9.69
C ILE B 178 -6.24 -24.17 -10.61
N PHE B 179 -6.59 -25.42 -10.29
CA PHE B 179 -7.49 -26.24 -11.14
C PHE B 179 -8.67 -26.68 -10.37
N ALA B 180 -9.80 -26.85 -11.07
CA ALA B 180 -10.96 -27.42 -10.38
C ALA B 180 -11.56 -28.48 -11.26
N LYS B 181 -11.65 -29.72 -10.75
CA LYS B 181 -12.21 -30.80 -11.59
C LYS B 181 -13.64 -30.97 -11.21
CA CA C . 1.01 5.01 8.60
C1 EDO D . -10.45 8.94 15.42
O1 EDO D . -10.85 7.63 15.78
C2 EDO D . -9.27 9.45 16.23
O2 EDO D . -8.12 8.61 15.90
C1 EDO E . 2.42 24.65 10.01
O1 EDO E . 2.39 24.68 11.36
C2 EDO E . 2.95 23.21 9.63
O2 EDO E . 2.51 22.93 8.40
C1 EDO F . -1.69 5.25 16.99
O1 EDO F . -0.90 6.40 17.23
C2 EDO F . -3.11 5.66 16.64
O2 EDO F . -3.17 6.30 15.34
C1 EDO G . 11.74 10.47 11.52
O1 EDO G . 12.56 11.10 12.49
C2 EDO G . 10.77 9.65 12.33
O2 EDO G . 9.58 10.45 12.58
C1 EDO H . 14.05 27.55 10.64
O1 EDO H . 14.50 28.79 11.20
C2 EDO H . 12.96 27.01 11.58
O2 EDO H . 11.98 28.00 11.79
C1 EDO I . 15.47 15.06 -6.65
O1 EDO I . 15.62 16.35 -6.07
C2 EDO I . 15.91 13.98 -5.72
O2 EDO I . 14.75 13.19 -5.47
CA CA J . 2.99 -15.11 -15.67
C1 EDO K . 13.95 -8.85 -9.21
O1 EDO K . 14.64 -8.98 -10.47
C2 EDO K . 12.73 -7.92 -9.42
O2 EDO K . 11.86 -8.31 -10.48
C1 EDO L . 8.31 -7.68 -15.06
O1 EDO L . 7.89 -8.81 -14.28
C2 EDO L . 7.17 -7.26 -15.97
O2 EDO L . 6.08 -6.62 -15.28
C1 EDO M . 0.85 -9.42 4.13
O1 EDO M . 1.75 -9.68 5.16
C2 EDO M . 0.49 -10.83 3.74
O2 EDO M . -0.85 -10.98 3.51
C1 EDO N . -1.75 2.85 -5.19
O1 EDO N . -3.02 3.40 -4.84
C2 EDO N . -0.90 2.93 -3.98
O2 EDO N . -1.56 1.88 -3.30
C1 EDO O . 5.93 -23.33 6.16
O1 EDO O . 6.96 -22.55 5.67
C2 EDO O . 6.09 -24.19 5.10
O2 EDO O . 7.15 -25.18 5.20
#